data_7PWC
#
_entry.id   7PWC
#
_cell.length_a   45.490
_cell.length_b   69.200
_cell.length_c   162.150
_cell.angle_alpha   90.000
_cell.angle_beta   90.000
_cell.angle_gamma   90.000
#
_symmetry.space_group_name_H-M   'P 21 21 21'
#
loop_
_entity.id
_entity.type
_entity.pdbx_description
1 polymer 'Protein mono-ADP-ribosyltransferase PARP15'
2 non-polymer 4-(cyclobutylmethoxy)benzamide
3 water water
#
_entity_poly.entity_id   1
_entity_poly.type   'polypeptide(L)'
_entity_poly.pdbx_seq_one_letter_code
;MHHHHHHSSGVDLGTENLYFQSMNLPEHWTDMNHQLFCMVQLEPGQSEYNTIKDKFTRTCSSYAIEKIERIQNAFLWQSY
QVKKRQMDIKNDHKNNERLLFHGTDADSVPYVNQHGFNRSCAGKNAVSYGKGTYFAVDASYSAKDTYSKPDSNGRKHMYV
VRVLTGVFTKGRAGLVTPPPKNPHNPTDLFDSVTNNTRSPKLFVVFFDNQAYPEYLITFTA
;
_entity_poly.pdbx_strand_id   A,B
#
loop_
_chem_comp.id
_chem_comp.type
_chem_comp.name
_chem_comp.formula
8AE non-polymer 4-(cyclobutylmethoxy)benzamide 'C12 H15 N O2'
#
# COMPACT_ATOMS: atom_id res chain seq x y z
N ASN A 24 -15.74 -12.07 -3.88
CA ASN A 24 -15.67 -12.73 -5.23
C ASN A 24 -14.46 -13.68 -5.26
N LEU A 25 -14.48 -14.74 -4.44
CA LEU A 25 -13.33 -15.64 -4.21
C LEU A 25 -13.27 -16.70 -5.31
N PRO A 26 -12.06 -17.01 -5.86
CA PRO A 26 -11.92 -17.83 -7.07
C PRO A 26 -12.39 -19.28 -6.90
N GLU A 27 -12.91 -19.87 -7.98
CA GLU A 27 -13.62 -21.18 -7.99
C GLU A 27 -12.68 -22.30 -7.54
N HIS A 28 -11.42 -22.26 -7.99
CA HIS A 28 -10.38 -23.29 -7.71
C HIS A 28 -9.94 -23.25 -6.24
N TRP A 29 -10.25 -22.18 -5.51
CA TRP A 29 -10.05 -22.16 -4.05
C TRP A 29 -10.95 -23.23 -3.43
N THR A 30 -10.56 -23.77 -2.29
CA THR A 30 -11.38 -24.76 -1.57
C THR A 30 -12.02 -24.06 -0.37
N ASP A 31 -13.14 -24.63 0.08
CA ASP A 31 -14.04 -24.00 1.08
C ASP A 31 -13.24 -23.65 2.33
N MET A 32 -13.53 -22.52 2.97
CA MET A 32 -12.69 -22.08 4.11
C MET A 32 -13.41 -22.15 5.47
N ASN A 33 -14.60 -22.75 5.53
CA ASN A 33 -15.43 -22.86 6.76
C ASN A 33 -15.56 -21.47 7.40
N HIS A 34 -15.84 -20.45 6.58
CA HIS A 34 -16.17 -19.06 7.02
C HIS A 34 -14.94 -18.33 7.57
N GLN A 35 -13.73 -18.81 7.32
CA GLN A 35 -12.47 -18.10 7.67
C GLN A 35 -11.95 -17.36 6.44
N LEU A 36 -11.02 -16.44 6.66
CA LEU A 36 -10.53 -15.46 5.66
C LEU A 36 -9.09 -15.78 5.22
N PHE A 37 -8.40 -16.70 5.90
CA PHE A 37 -7.00 -17.09 5.56
C PHE A 37 -6.83 -18.60 5.74
N CYS A 38 -6.26 -19.27 4.76
N CYS A 38 -6.33 -19.29 4.72
CA CYS A 38 -5.76 -20.65 4.96
CA CYS A 38 -5.88 -20.70 4.80
C CYS A 38 -4.77 -21.02 3.86
C CYS A 38 -4.69 -20.93 3.86
N MET A 39 -3.77 -21.81 4.24
CA MET A 39 -2.73 -22.39 3.37
C MET A 39 -3.20 -23.81 3.04
N VAL A 40 -3.41 -24.12 1.77
CA VAL A 40 -3.98 -25.43 1.33
C VAL A 40 -2.90 -26.23 0.61
N GLN A 41 -2.49 -27.37 1.15
CA GLN A 41 -1.49 -28.21 0.47
C GLN A 41 -2.12 -28.84 -0.77
N LEU A 42 -1.47 -28.69 -1.93
CA LEU A 42 -1.94 -29.27 -3.22
C LEU A 42 -1.68 -30.78 -3.25
N GLU A 43 -2.58 -31.52 -3.89
CA GLU A 43 -2.46 -32.97 -4.15
C GLU A 43 -1.54 -33.20 -5.34
N PRO A 44 -0.40 -33.90 -5.17
CA PRO A 44 0.45 -34.30 -6.29
C PRO A 44 -0.34 -35.04 -7.39
N GLY A 45 0.04 -34.81 -8.63
CA GLY A 45 -0.52 -35.52 -9.79
C GLY A 45 -1.82 -34.92 -10.28
N GLN A 46 -2.40 -33.93 -9.59
CA GLN A 46 -3.64 -33.29 -10.07
C GLN A 46 -3.25 -32.05 -10.86
N SER A 47 -4.20 -31.53 -11.65
CA SER A 47 -3.98 -30.54 -12.71
C SER A 47 -3.25 -29.30 -12.16
N GLU A 48 -3.70 -28.81 -11.02
CA GLU A 48 -3.23 -27.52 -10.47
C GLU A 48 -1.78 -27.69 -10.03
N TYR A 49 -1.49 -28.75 -9.28
CA TYR A 49 -0.12 -29.07 -8.79
C TYR A 49 0.78 -29.26 -10.01
N ASN A 50 0.32 -30.02 -11.01
CA ASN A 50 1.18 -30.27 -12.20
C ASN A 50 1.49 -28.96 -12.93
N THR A 51 0.53 -28.04 -13.05
CA THR A 51 0.69 -26.74 -13.74
C THR A 51 1.79 -25.94 -13.02
N ILE A 52 1.72 -25.82 -11.70
CA ILE A 52 2.66 -24.95 -10.95
C ILE A 52 4.04 -25.65 -10.95
N LYS A 53 4.07 -26.96 -10.77
CA LYS A 53 5.33 -27.76 -10.75
C LYS A 53 6.07 -27.55 -12.07
N ASP A 54 5.37 -27.58 -13.21
CA ASP A 54 5.97 -27.39 -14.56
C ASP A 54 6.58 -26.00 -14.71
N LYS A 55 5.93 -24.95 -14.19
CA LYS A 55 6.46 -23.56 -14.26
C LYS A 55 7.82 -23.50 -13.54
N PHE A 56 7.94 -24.19 -12.41
CA PHE A 56 9.17 -24.24 -11.59
C PHE A 56 10.23 -25.12 -12.28
N THR A 57 9.86 -26.33 -12.73
CA THR A 57 10.85 -27.29 -13.29
C THR A 57 11.31 -26.87 -14.69
N ARG A 58 10.61 -25.96 -15.37
CA ARG A 58 11.13 -25.32 -16.61
C ARG A 58 12.58 -24.90 -16.42
N THR A 59 12.95 -24.34 -15.26
CA THR A 59 14.34 -23.86 -15.00
C THR A 59 14.98 -24.52 -13.77
N CYS A 60 14.25 -25.31 -12.97
CA CYS A 60 14.72 -25.85 -11.68
C CYS A 60 14.50 -27.36 -11.60
N SER A 61 14.74 -28.08 -12.70
CA SER A 61 14.49 -29.55 -12.76
C SER A 61 15.48 -30.32 -11.87
N SER A 62 16.59 -29.72 -11.41
CA SER A 62 17.59 -30.40 -10.55
C SER A 62 17.23 -30.28 -9.07
N TYR A 63 16.17 -29.53 -8.73
CA TYR A 63 15.77 -29.35 -7.32
C TYR A 63 14.83 -30.51 -6.96
N ALA A 64 14.45 -30.58 -5.70
CA ALA A 64 13.51 -31.60 -5.15
C ALA A 64 12.36 -30.87 -4.45
N ILE A 65 11.14 -30.98 -4.99
CA ILE A 65 9.91 -30.34 -4.43
C ILE A 65 9.38 -31.19 -3.27
N GLU A 66 9.30 -30.60 -2.09
CA GLU A 66 8.70 -31.21 -0.88
C GLU A 66 7.19 -31.03 -0.91
N LYS A 67 6.69 -29.81 -1.19
CA LYS A 67 5.25 -29.57 -1.28
C LYS A 67 4.98 -28.24 -1.97
N ILE A 68 3.74 -28.10 -2.45
CA ILE A 68 3.21 -26.83 -3.02
C ILE A 68 1.92 -26.53 -2.26
N GLU A 69 1.81 -25.30 -1.77
CA GLU A 69 0.62 -24.82 -1.00
C GLU A 69 -0.03 -23.68 -1.76
N ARG A 70 -1.35 -23.71 -1.87
CA ARG A 70 -2.17 -22.59 -2.41
C ARG A 70 -2.43 -21.60 -1.26
N ILE A 71 -2.13 -20.32 -1.49
CA ILE A 71 -2.38 -19.27 -0.47
C ILE A 71 -3.79 -18.72 -0.71
N GLN A 72 -4.68 -18.91 0.25
CA GLN A 72 -6.06 -18.37 0.20
C GLN A 72 -6.17 -17.27 1.27
N ASN A 73 -5.89 -16.05 0.85
CA ASN A 73 -5.93 -14.86 1.74
C ASN A 73 -6.96 -13.90 1.16
N ALA A 74 -8.19 -13.90 1.70
CA ALA A 74 -9.33 -13.20 1.07
C ALA A 74 -9.03 -11.70 1.01
N PHE A 75 -8.53 -11.10 2.10
CA PHE A 75 -8.30 -9.64 2.15
C PHE A 75 -7.24 -9.24 1.12
N LEU A 76 -6.10 -9.96 1.08
CA LEU A 76 -5.02 -9.65 0.10
C LEU A 76 -5.60 -9.78 -1.29
N TRP A 77 -6.39 -10.82 -1.53
CA TRP A 77 -6.97 -11.06 -2.87
C TRP A 77 -7.90 -9.88 -3.25
N GLN A 78 -8.78 -9.47 -2.35
CA GLN A 78 -9.72 -8.33 -2.58
CA GLN A 78 -9.72 -8.36 -2.66
C GLN A 78 -8.93 -7.09 -2.99
N SER A 79 -7.92 -6.72 -2.21
CA SER A 79 -7.13 -5.48 -2.48
C SER A 79 -6.40 -5.56 -3.81
N TYR A 80 -5.84 -6.73 -4.12
CA TYR A 80 -5.13 -7.00 -5.39
C TYR A 80 -6.12 -6.86 -6.57
N GLN A 81 -7.29 -7.46 -6.45
CA GLN A 81 -8.30 -7.43 -7.54
C GLN A 81 -8.79 -6.01 -7.79
N VAL A 82 -8.93 -5.18 -6.75
CA VAL A 82 -9.30 -3.76 -6.94
C VAL A 82 -8.21 -3.08 -7.76
N LYS A 83 -6.93 -3.25 -7.38
CA LYS A 83 -5.83 -2.62 -8.13
CA LYS A 83 -5.80 -2.63 -8.13
C LYS A 83 -5.80 -3.15 -9.57
N LYS A 84 -6.09 -4.44 -9.77
CA LYS A 84 -6.08 -4.98 -11.15
C LYS A 84 -7.17 -4.29 -11.97
N ARG A 85 -8.37 -4.19 -11.42
CA ARG A 85 -9.48 -3.51 -12.15
C ARG A 85 -9.09 -2.07 -12.47
N GLN A 86 -8.46 -1.36 -11.53
CA GLN A 86 -8.05 0.06 -11.72
C GLN A 86 -6.99 0.13 -12.84
N MET A 87 -6.00 -0.78 -12.84
CA MET A 87 -4.93 -0.75 -13.86
C MET A 87 -5.50 -1.13 -15.23
N ASP A 88 -6.49 -2.03 -15.29
CA ASP A 88 -7.16 -2.41 -16.55
C ASP A 88 -7.86 -1.17 -17.12
N ILE A 89 -8.50 -0.34 -16.27
CA ILE A 89 -9.17 0.91 -16.75
C ILE A 89 -8.11 1.93 -17.20
N LYS A 90 -7.07 2.14 -16.39
CA LYS A 90 -6.02 3.18 -16.60
C LYS A 90 -5.33 2.92 -17.94
N ASN A 91 -4.96 1.66 -18.19
CA ASN A 91 -4.12 1.27 -19.35
C ASN A 91 -5.04 0.97 -20.55
N ASP A 92 -6.34 0.77 -20.33
CA ASP A 92 -7.38 0.60 -21.38
C ASP A 92 -7.14 -0.72 -22.12
N HIS A 93 -6.51 -1.68 -21.45
CA HIS A 93 -6.23 -3.05 -21.96
C HIS A 93 -6.05 -3.95 -20.74
N LYS A 94 -6.17 -5.27 -20.92
CA LYS A 94 -6.26 -6.26 -19.81
C LYS A 94 -5.04 -7.18 -19.83
N ASN A 95 -3.90 -6.73 -20.37
CA ASN A 95 -2.65 -7.55 -20.41
C ASN A 95 -1.66 -7.08 -19.33
N ASN A 96 -2.13 -6.78 -18.11
CA ASN A 96 -1.31 -6.08 -17.09
C ASN A 96 -0.66 -7.02 -16.07
N GLU A 97 -0.97 -8.30 -16.11
CA GLU A 97 -0.57 -9.30 -15.08
C GLU A 97 0.45 -10.30 -15.64
N ARG A 98 1.45 -10.64 -14.85
CA ARG A 98 2.46 -11.70 -15.13
C ARG A 98 2.58 -12.60 -13.91
N LEU A 99 2.94 -13.88 -14.13
CA LEU A 99 3.21 -14.86 -13.06
C LEU A 99 4.74 -14.92 -12.91
N LEU A 100 5.24 -14.48 -11.77
CA LEU A 100 6.69 -14.38 -11.49
C LEU A 100 7.02 -15.13 -10.20
N PHE A 101 8.31 -15.19 -9.86
CA PHE A 101 8.82 -15.94 -8.70
C PHE A 101 9.46 -15.00 -7.70
N HIS A 102 9.35 -15.34 -6.43
CA HIS A 102 10.02 -14.59 -5.35
C HIS A 102 10.57 -15.57 -4.32
N GLY A 103 11.89 -15.65 -4.20
CA GLY A 103 12.58 -16.45 -3.18
C GLY A 103 12.65 -15.69 -1.87
N THR A 104 12.39 -16.31 -0.73
CA THR A 104 12.53 -15.60 0.56
C THR A 104 13.04 -16.55 1.65
N ASP A 105 13.48 -15.98 2.77
CA ASP A 105 13.92 -16.77 3.94
C ASP A 105 12.68 -17.27 4.67
N ALA A 106 12.82 -18.38 5.37
CA ALA A 106 11.72 -19.02 6.13
C ALA A 106 11.12 -18.04 7.15
N ASP A 107 11.92 -17.13 7.73
CA ASP A 107 11.43 -16.21 8.81
C ASP A 107 10.44 -15.19 8.22
N SER A 108 10.48 -14.93 6.92
CA SER A 108 9.59 -13.96 6.23
C SER A 108 8.30 -14.63 5.73
N VAL A 109 8.24 -15.96 5.70
CA VAL A 109 7.09 -16.67 5.06
C VAL A 109 5.77 -16.36 5.80
N PRO A 110 5.66 -16.41 7.15
CA PRO A 110 4.39 -16.11 7.83
C PRO A 110 3.87 -14.70 7.51
N TYR A 111 4.78 -13.72 7.46
CA TYR A 111 4.41 -12.32 7.11
C TYR A 111 3.81 -12.27 5.69
N VAL A 112 4.53 -12.82 4.70
CA VAL A 112 4.10 -12.74 3.28
C VAL A 112 2.75 -13.45 3.11
N ASN A 113 2.57 -14.59 3.72
CA ASN A 113 1.29 -15.35 3.63
C ASN A 113 0.13 -14.46 4.08
N GLN A 114 0.32 -13.68 5.15
CA GLN A 114 -0.76 -12.91 5.84
CA GLN A 114 -0.79 -12.93 5.80
C GLN A 114 -0.88 -11.51 5.24
N HIS A 115 0.26 -10.89 4.91
CA HIS A 115 0.29 -9.45 4.56
C HIS A 115 0.83 -9.18 3.16
N GLY A 116 1.32 -10.17 2.43
CA GLY A 116 1.90 -9.95 1.09
C GLY A 116 3.28 -9.30 1.18
N PHE A 117 3.66 -8.61 0.12
CA PHE A 117 5.04 -8.08 -0.06
C PHE A 117 5.08 -6.64 0.44
N ASN A 118 6.19 -6.29 1.08
CA ASN A 118 6.35 -4.95 1.71
C ASN A 118 7.73 -4.42 1.36
N ARG A 119 7.76 -3.36 0.55
CA ARG A 119 9.02 -2.71 0.12
C ARG A 119 9.82 -2.20 1.33
N SER A 120 9.18 -1.96 2.47
CA SER A 120 9.88 -1.38 3.65
C SER A 120 10.72 -2.44 4.36
N CYS A 121 10.60 -3.72 4.01
CA CYS A 121 11.30 -4.84 4.71
C CYS A 121 12.69 -5.07 4.10
N VAL A 127 19.34 -3.66 -4.30
CA VAL A 127 18.19 -2.84 -4.78
C VAL A 127 18.64 -1.93 -5.95
N SER A 128 19.38 -2.49 -6.91
CA SER A 128 20.01 -1.76 -8.05
C SER A 128 18.96 -1.16 -8.99
N TYR A 129 17.71 -1.65 -8.98
CA TYR A 129 16.68 -1.17 -9.94
C TYR A 129 15.59 -0.38 -9.19
N GLY A 130 15.83 -0.05 -7.93
CA GLY A 130 14.91 0.75 -7.11
C GLY A 130 14.52 0.08 -5.80
N LYS A 131 13.93 0.86 -4.90
CA LYS A 131 13.51 0.41 -3.55
C LYS A 131 12.07 -0.10 -3.64
N GLY A 132 11.91 -1.27 -4.26
CA GLY A 132 10.62 -1.95 -4.36
C GLY A 132 10.78 -3.41 -4.01
N THR A 133 9.77 -4.20 -4.27
CA THR A 133 9.82 -5.66 -4.14
C THR A 133 10.21 -6.27 -5.49
N TYR A 134 11.15 -7.23 -5.49
CA TYR A 134 11.75 -7.83 -6.71
C TYR A 134 11.10 -9.17 -7.00
N PHE A 135 10.81 -9.40 -8.27
CA PHE A 135 10.25 -10.67 -8.78
C PHE A 135 11.05 -11.11 -10.00
N ALA A 136 11.25 -12.41 -10.12
CA ALA A 136 12.06 -12.97 -11.23
C ALA A 136 11.16 -13.67 -12.26
N VAL A 137 11.57 -13.61 -13.51
CA VAL A 137 10.88 -14.33 -14.61
C VAL A 137 11.18 -15.83 -14.49
N ASP A 138 12.41 -16.18 -14.13
CA ASP A 138 12.86 -17.61 -14.03
C ASP A 138 12.96 -18.05 -12.57
N ALA A 139 12.37 -19.21 -12.23
CA ALA A 139 12.54 -19.81 -10.89
C ALA A 139 14.02 -19.96 -10.54
N SER A 140 14.87 -20.30 -11.51
CA SER A 140 16.32 -20.52 -11.28
C SER A 140 16.98 -19.30 -10.60
N TYR A 141 16.52 -18.10 -10.95
CA TYR A 141 17.07 -16.86 -10.33
C TYR A 141 16.63 -16.75 -8.86
N SER A 142 15.34 -16.92 -8.57
CA SER A 142 14.78 -16.88 -7.20
C SER A 142 15.34 -18.03 -6.33
N ALA A 143 15.80 -19.10 -6.98
CA ALA A 143 16.38 -20.29 -6.32
C ALA A 143 17.80 -20.03 -5.79
N LYS A 144 18.45 -18.93 -6.15
CA LYS A 144 19.75 -18.60 -5.51
C LYS A 144 19.61 -18.56 -3.98
N ASP A 145 20.60 -19.06 -3.25
CA ASP A 145 20.60 -19.09 -1.77
C ASP A 145 20.57 -17.66 -1.20
N THR A 146 21.01 -16.66 -1.94
CA THR A 146 20.95 -15.25 -1.49
C THR A 146 19.48 -14.83 -1.29
N TYR A 147 18.53 -15.46 -1.99
CA TYR A 147 17.09 -15.08 -1.96
C TYR A 147 16.29 -16.11 -1.18
N SER A 148 16.30 -17.36 -1.65
CA SER A 148 15.64 -18.50 -0.99
C SER A 148 16.64 -19.18 -0.05
N LYS A 149 17.00 -18.48 1.05
CA LYS A 149 18.04 -18.93 2.00
C LYS A 149 17.61 -20.28 2.55
N PRO A 150 18.43 -21.34 2.47
CA PRO A 150 18.08 -22.63 3.07
C PRO A 150 17.95 -22.46 4.59
N ASP A 151 16.92 -23.06 5.19
CA ASP A 151 16.68 -22.97 6.65
C ASP A 151 17.53 -24.03 7.34
N SER A 152 17.40 -24.17 8.66
CA SER A 152 18.29 -24.98 9.53
C SER A 152 18.23 -26.48 9.15
N ASN A 153 17.22 -26.91 8.39
CA ASN A 153 17.06 -28.33 7.94
C ASN A 153 17.21 -28.45 6.42
N GLY A 154 17.55 -27.36 5.71
CA GLY A 154 17.95 -27.38 4.28
C GLY A 154 16.83 -26.93 3.34
N ARG A 155 15.65 -26.64 3.88
CA ARG A 155 14.44 -26.31 3.06
C ARG A 155 14.55 -24.89 2.53
N LYS A 156 14.25 -24.72 1.24
CA LYS A 156 14.21 -23.40 0.55
C LYS A 156 12.74 -23.10 0.23
N HIS A 157 12.39 -21.81 0.14
CA HIS A 157 11.00 -21.34 -0.03
C HIS A 157 10.94 -20.35 -1.18
N MET A 158 9.98 -20.53 -2.08
CA MET A 158 9.79 -19.62 -3.23
C MET A 158 8.29 -19.48 -3.50
N TYR A 159 7.82 -18.24 -3.66
CA TYR A 159 6.43 -17.97 -4.04
C TYR A 159 6.32 -17.92 -5.56
N VAL A 160 5.17 -18.34 -6.05
CA VAL A 160 4.65 -18.03 -7.40
C VAL A 160 3.64 -16.92 -7.23
N VAL A 161 3.83 -15.81 -7.93
CA VAL A 161 3.19 -14.51 -7.58
C VAL A 161 2.46 -13.96 -8.79
N ARG A 162 1.19 -13.56 -8.65
CA ARG A 162 0.51 -12.71 -9.67
C ARG A 162 0.98 -11.26 -9.46
N VAL A 163 1.63 -10.66 -10.45
CA VAL A 163 2.20 -9.29 -10.34
C VAL A 163 1.60 -8.39 -11.42
N LEU A 164 1.13 -7.21 -11.01
CA LEU A 164 0.58 -6.19 -11.93
C LEU A 164 1.73 -5.37 -12.50
N THR A 165 2.45 -5.93 -13.48
CA THR A 165 3.62 -5.29 -14.11
C THR A 165 3.15 -4.15 -15.03
N GLY A 166 1.96 -4.26 -15.61
CA GLY A 166 1.39 -3.21 -16.47
C GLY A 166 2.36 -2.72 -17.53
N VAL A 167 2.45 -1.40 -17.66
CA VAL A 167 3.40 -0.74 -18.60
C VAL A 167 4.68 -0.46 -17.81
N PHE A 168 5.81 -0.92 -18.31
CA PHE A 168 7.10 -0.89 -17.58
C PHE A 168 8.20 -0.20 -18.39
N THR A 169 9.22 0.23 -17.65
CA THR A 169 10.40 0.93 -18.18
C THR A 169 11.64 0.39 -17.47
N LYS A 170 12.82 0.77 -17.96
CA LYS A 170 14.07 0.38 -17.27
C LYS A 170 14.17 1.09 -15.92
N GLY A 171 14.57 0.37 -14.90
CA GLY A 171 14.78 0.93 -13.55
C GLY A 171 16.20 1.41 -13.37
N ARG A 172 16.46 1.94 -12.20
CA ARG A 172 17.78 2.48 -11.80
C ARG A 172 17.82 2.62 -10.28
N ALA A 173 19.02 2.74 -9.72
CA ALA A 173 19.23 2.76 -8.26
C ALA A 173 18.51 4.00 -7.71
N GLY A 174 17.85 3.82 -6.58
CA GLY A 174 17.36 4.91 -5.72
C GLY A 174 15.94 5.30 -6.05
N LEU A 175 15.31 4.75 -7.10
CA LEU A 175 13.87 5.00 -7.37
C LEU A 175 13.05 4.63 -6.13
N VAL A 176 12.08 5.45 -5.76
CA VAL A 176 11.11 5.06 -4.67
C VAL A 176 9.72 4.81 -5.27
N THR A 177 9.49 5.21 -6.51
CA THR A 177 8.29 4.88 -7.34
C THR A 177 8.77 4.72 -8.76
N PRO A 178 7.99 4.12 -9.68
CA PRO A 178 8.40 4.09 -11.08
C PRO A 178 8.52 5.50 -11.62
N PRO A 179 9.33 5.72 -12.66
CA PRO A 179 9.43 7.02 -13.32
C PRO A 179 8.11 7.45 -13.97
N PRO A 180 7.91 8.75 -14.26
CA PRO A 180 6.79 9.18 -15.10
C PRO A 180 6.92 8.72 -16.55
N LYS A 181 5.80 8.45 -17.22
CA LYS A 181 5.75 8.01 -18.64
C LYS A 181 6.24 9.16 -19.52
N ASN A 182 5.94 10.40 -19.14
CA ASN A 182 6.45 11.63 -19.79
C ASN A 182 6.57 12.69 -18.70
N PRO A 183 7.77 13.29 -18.48
CA PRO A 183 7.93 14.29 -17.41
C PRO A 183 7.19 15.62 -17.62
N HIS A 184 6.33 15.72 -18.65
CA HIS A 184 5.37 16.84 -18.84
C HIS A 184 4.12 16.64 -17.98
N ASN A 185 3.80 15.37 -17.65
CA ASN A 185 2.80 14.97 -16.63
C ASN A 185 3.49 14.11 -15.57
N PRO A 186 4.15 14.72 -14.57
CA PRO A 186 5.00 13.98 -13.64
C PRO A 186 4.29 12.98 -12.71
N THR A 187 2.96 12.98 -12.63
CA THR A 187 2.21 12.07 -11.73
C THR A 187 1.56 10.89 -12.48
N ASP A 188 1.61 10.85 -13.82
CA ASP A 188 1.17 9.65 -14.58
C ASP A 188 2.37 8.69 -14.70
N LEU A 189 2.40 7.62 -13.91
CA LEU A 189 3.63 6.81 -13.67
C LEU A 189 3.60 5.53 -14.52
N PHE A 190 4.78 4.97 -14.81
CA PHE A 190 4.91 3.53 -15.20
C PHE A 190 4.35 2.70 -14.05
N ASP A 191 3.90 1.47 -14.33
CA ASP A 191 3.34 0.54 -13.30
C ASP A 191 4.47 -0.22 -12.60
N SER A 192 5.57 -0.47 -13.29
CA SER A 192 6.71 -1.21 -12.70
C SER A 192 8.00 -0.89 -13.46
N VAL A 193 9.12 -1.38 -12.95
CA VAL A 193 10.40 -1.24 -13.73
C VAL A 193 11.00 -2.62 -13.92
N THR A 194 11.96 -2.70 -14.85
CA THR A 194 12.66 -3.97 -15.19
C THR A 194 14.16 -3.72 -15.38
N ASN A 195 14.92 -4.78 -15.51
CA ASN A 195 16.35 -4.74 -15.87
C ASN A 195 16.54 -4.44 -17.36
N ASN A 196 15.62 -4.88 -18.22
CA ASN A 196 15.76 -4.81 -19.71
C ASN A 196 14.36 -4.85 -20.32
N THR A 197 13.91 -3.79 -21.00
CA THR A 197 12.52 -3.67 -21.51
C THR A 197 12.27 -4.64 -22.66
N ARG A 198 13.27 -4.93 -23.49
CA ARG A 198 13.09 -5.83 -24.66
C ARG A 198 13.04 -7.29 -24.21
N SER A 199 13.82 -7.67 -23.20
CA SER A 199 13.99 -9.08 -22.74
C SER A 199 14.07 -9.14 -21.22
N PRO A 200 12.95 -8.89 -20.51
CA PRO A 200 12.97 -8.72 -19.07
C PRO A 200 13.26 -10.03 -18.35
N LYS A 201 14.07 -9.96 -17.29
CA LYS A 201 14.32 -11.13 -16.42
C LYS A 201 13.88 -10.83 -14.97
N LEU A 202 13.61 -9.58 -14.62
CA LEU A 202 13.06 -9.27 -13.28
C LEU A 202 12.16 -8.04 -13.39
N PHE A 203 11.28 -7.90 -12.41
CA PHE A 203 10.38 -6.72 -12.28
C PHE A 203 10.39 -6.23 -10.84
N VAL A 204 10.27 -4.91 -10.65
CA VAL A 204 10.17 -4.27 -9.30
C VAL A 204 8.84 -3.52 -9.25
N VAL A 205 8.05 -3.76 -8.20
CA VAL A 205 6.82 -2.96 -7.91
C VAL A 205 7.02 -2.20 -6.60
N PHE A 206 6.36 -1.05 -6.49
CA PHE A 206 6.66 -0.06 -5.44
C PHE A 206 5.40 0.25 -4.63
N PHE A 207 4.32 -0.49 -4.83
CA PHE A 207 3.08 -0.21 -4.07
C PHE A 207 2.57 -1.53 -3.49
N ASP A 208 1.93 -1.40 -2.33
CA ASP A 208 1.22 -2.51 -1.68
C ASP A 208 0.10 -3.00 -2.61
N ASN A 209 -0.17 -4.28 -2.57
CA ASN A 209 -1.34 -4.90 -3.25
C ASN A 209 -1.20 -4.81 -4.79
N GLN A 210 0.02 -4.68 -5.32
CA GLN A 210 0.33 -4.89 -6.76
C GLN A 210 0.82 -6.33 -6.99
N ALA A 211 0.98 -7.11 -5.93
CA ALA A 211 1.46 -8.51 -6.03
C ALA A 211 0.64 -9.38 -5.08
N TYR A 212 0.20 -10.54 -5.56
CA TYR A 212 -0.58 -11.52 -4.76
C TYR A 212 0.17 -12.85 -4.73
N PRO A 213 0.64 -13.31 -3.53
CA PRO A 213 1.37 -14.57 -3.41
C PRO A 213 0.35 -15.71 -3.57
N GLU A 214 0.45 -16.45 -4.67
CA GLU A 214 -0.60 -17.43 -5.04
C GLU A 214 -0.19 -18.82 -4.57
N TYR A 215 1.07 -19.20 -4.73
CA TYR A 215 1.56 -20.53 -4.29
C TYR A 215 2.88 -20.38 -3.57
N LEU A 216 3.13 -21.26 -2.62
CA LEU A 216 4.39 -21.37 -1.87
C LEU A 216 4.97 -22.76 -2.16
N ILE A 217 6.17 -22.78 -2.75
CA ILE A 217 6.88 -24.03 -3.10
C ILE A 217 7.96 -24.22 -2.03
N THR A 218 7.95 -25.37 -1.37
CA THR A 218 9.00 -25.77 -0.41
C THR A 218 9.86 -26.81 -1.13
N PHE A 219 11.17 -26.60 -1.20
CA PHE A 219 12.06 -27.46 -2.02
C PHE A 219 13.48 -27.49 -1.44
N THR A 220 14.31 -28.37 -2.01
CA THR A 220 15.72 -28.58 -1.58
C THR A 220 16.61 -28.67 -2.82
N ALA A 221 17.90 -28.36 -2.63
CA ALA A 221 18.99 -28.47 -3.63
C ALA A 221 19.21 -29.95 -3.98
N ASN B 24 -18.87 2.94 -6.56
CA ASN B 24 -19.38 3.11 -5.16
C ASN B 24 -19.21 4.56 -4.67
N LEU B 25 -19.07 5.54 -5.58
CA LEU B 25 -18.59 6.89 -5.19
C LEU B 25 -19.67 7.62 -4.39
N PRO B 26 -19.29 8.51 -3.46
CA PRO B 26 -20.27 9.19 -2.61
C PRO B 26 -21.24 10.08 -3.42
N GLU B 27 -22.52 10.04 -3.04
CA GLU B 27 -23.60 10.64 -3.87
C GLU B 27 -23.58 12.16 -3.79
N HIS B 28 -22.85 12.77 -2.85
CA HIS B 28 -22.76 14.26 -2.74
C HIS B 28 -21.58 14.79 -3.59
N TRP B 29 -20.70 13.92 -4.12
CA TRP B 29 -19.60 14.35 -5.02
C TRP B 29 -20.20 14.97 -6.28
N THR B 30 -19.50 15.93 -6.88
CA THR B 30 -19.85 16.46 -8.23
C THR B 30 -19.68 15.33 -9.26
N ASP B 31 -20.56 15.29 -10.26
CA ASP B 31 -20.44 14.39 -11.43
C ASP B 31 -19.14 14.75 -12.14
N MET B 32 -18.28 13.77 -12.40
CA MET B 32 -16.95 13.98 -13.01
C MET B 32 -16.97 13.59 -14.50
N ASN B 33 -18.07 13.00 -14.97
CA ASN B 33 -18.28 12.64 -16.41
C ASN B 33 -17.21 11.62 -16.82
N HIS B 34 -17.18 10.46 -16.15
CA HIS B 34 -16.29 9.31 -16.44
C HIS B 34 -14.82 9.63 -16.11
N GLN B 35 -14.52 10.86 -15.66
CA GLN B 35 -13.18 11.27 -15.17
C GLN B 35 -12.95 10.64 -13.80
N LEU B 36 -11.70 10.37 -13.43
CA LEU B 36 -11.37 9.60 -12.21
C LEU B 36 -10.91 10.54 -11.09
N PHE B 37 -10.75 11.83 -11.38
CA PHE B 37 -10.12 12.76 -10.42
C PHE B 37 -10.61 14.19 -10.61
N CYS B 38 -10.89 14.90 -9.51
CA CYS B 38 -11.32 16.34 -9.55
CA CYS B 38 -11.05 16.37 -9.58
C CYS B 38 -11.08 16.98 -8.17
N MET B 39 -10.74 18.27 -8.14
CA MET B 39 -10.69 19.09 -6.91
C MET B 39 -11.89 20.04 -6.99
N VAL B 40 -12.71 20.07 -5.95
CA VAL B 40 -13.94 20.92 -5.91
C VAL B 40 -13.77 22.01 -4.84
N GLN B 41 -13.78 23.28 -5.28
CA GLN B 41 -13.72 24.44 -4.39
C GLN B 41 -15.03 24.57 -3.60
N LEU B 42 -14.94 24.62 -2.27
CA LEU B 42 -16.13 24.72 -1.39
C LEU B 42 -16.48 26.19 -1.13
N GLU B 43 -17.73 26.43 -0.83
CA GLU B 43 -18.28 27.79 -0.54
C GLU B 43 -18.39 28.03 0.96
N PRO B 44 -17.80 29.14 1.47
CA PRO B 44 -18.01 29.55 2.84
C PRO B 44 -19.53 29.65 3.08
N GLY B 45 -19.98 29.24 4.25
CA GLY B 45 -21.41 29.29 4.60
C GLY B 45 -22.10 27.97 4.37
N GLN B 46 -21.57 27.09 3.52
CA GLN B 46 -21.99 25.66 3.47
C GLN B 46 -21.50 24.99 4.76
N SER B 47 -22.29 24.08 5.32
CA SER B 47 -21.89 23.26 6.50
C SER B 47 -20.56 22.55 6.23
N GLU B 48 -20.34 22.05 5.01
CA GLU B 48 -19.14 21.29 4.63
C GLU B 48 -17.89 22.17 4.81
N TYR B 49 -17.91 23.40 4.31
CA TYR B 49 -16.79 24.36 4.48
C TYR B 49 -16.64 24.72 5.96
N ASN B 50 -17.75 25.06 6.63
CA ASN B 50 -17.69 25.61 8.00
C ASN B 50 -17.14 24.59 9.00
N THR B 51 -17.47 23.31 8.87
CA THR B 51 -17.01 22.26 9.81
CA THR B 51 -17.01 22.28 9.83
C THR B 51 -15.49 22.15 9.69
N ILE B 52 -14.96 22.20 8.47
CA ILE B 52 -13.49 22.12 8.28
C ILE B 52 -12.84 23.41 8.79
N LYS B 53 -13.39 24.57 8.45
CA LYS B 53 -12.84 25.84 8.98
C LYS B 53 -12.86 25.82 10.51
N ASP B 54 -13.92 25.32 11.14
CA ASP B 54 -14.01 25.31 12.63
C ASP B 54 -12.96 24.35 13.21
N LYS B 55 -12.80 23.16 12.62
CA LYS B 55 -11.82 22.13 13.08
C LYS B 55 -10.39 22.71 13.00
N PHE B 56 -10.09 23.45 11.95
CA PHE B 56 -8.79 24.12 11.73
C PHE B 56 -8.60 25.24 12.77
N THR B 57 -9.54 26.19 12.86
CA THR B 57 -9.38 27.43 13.67
C THR B 57 -9.40 27.12 15.16
N ARG B 58 -9.91 25.96 15.56
CA ARG B 58 -9.84 25.49 16.97
C ARG B 58 -8.42 25.69 17.50
N THR B 59 -7.38 25.44 16.69
CA THR B 59 -5.96 25.54 17.13
C THR B 59 -5.11 26.46 16.23
N CYS B 60 -5.64 26.98 15.12
CA CYS B 60 -4.92 27.84 14.14
C CYS B 60 -5.67 29.16 13.91
N SER B 61 -6.13 29.80 14.98
CA SER B 61 -6.88 31.09 14.94
C SER B 61 -6.02 32.21 14.35
N SER B 62 -4.67 32.13 14.43
CA SER B 62 -3.75 33.20 13.97
C SER B 62 -3.42 33.08 12.48
N TYR B 63 -3.98 32.10 11.76
CA TYR B 63 -3.84 31.92 10.30
C TYR B 63 -5.17 32.25 9.63
N ALA B 64 -5.15 32.53 8.34
CA ALA B 64 -6.37 32.79 7.55
C ALA B 64 -6.44 31.80 6.38
N ILE B 65 -7.63 31.24 6.16
CA ILE B 65 -7.85 30.26 5.06
C ILE B 65 -8.08 31.03 3.74
N GLU B 66 -7.36 30.63 2.70
CA GLU B 66 -7.56 31.13 1.32
C GLU B 66 -8.72 30.34 0.74
N LYS B 67 -8.65 29.01 0.78
CA LYS B 67 -9.70 28.18 0.14
C LYS B 67 -9.64 26.77 0.71
N ILE B 68 -10.75 26.06 0.60
CA ILE B 68 -10.86 24.62 0.96
C ILE B 68 -11.35 23.87 -0.27
N GLU B 69 -10.63 22.86 -0.71
CA GLU B 69 -11.02 22.03 -1.88
C GLU B 69 -11.33 20.61 -1.41
N ARG B 70 -12.47 20.07 -1.84
CA ARG B 70 -12.78 18.63 -1.69
C ARG B 70 -12.01 17.81 -2.73
N ILE B 71 -11.31 16.75 -2.32
CA ILE B 71 -10.52 15.88 -3.22
C ILE B 71 -11.44 14.71 -3.59
N GLN B 72 -11.76 14.58 -4.87
CA GLN B 72 -12.57 13.47 -5.44
C GLN B 72 -11.61 12.60 -6.26
N ASN B 73 -11.10 11.55 -5.63
CA ASN B 73 -10.13 10.64 -6.28
C ASN B 73 -10.72 9.23 -6.24
N ALA B 74 -11.32 8.80 -7.35
CA ALA B 74 -12.13 7.57 -7.37
C ALA B 74 -11.28 6.37 -6.95
N PHE B 75 -10.07 6.24 -7.49
CA PHE B 75 -9.22 5.05 -7.24
C PHE B 75 -8.73 5.02 -5.79
N LEU B 76 -8.28 6.16 -5.25
CA LEU B 76 -7.85 6.22 -3.84
C LEU B 76 -9.04 5.89 -2.93
N TRP B 77 -10.23 6.40 -3.27
CA TRP B 77 -11.44 6.18 -2.43
C TRP B 77 -11.78 4.68 -2.40
N GLN B 78 -11.77 4.05 -3.57
CA GLN B 78 -12.11 2.61 -3.68
C GLN B 78 -11.15 1.77 -2.80
N SER B 79 -9.85 2.00 -2.92
CA SER B 79 -8.84 1.17 -2.19
C SER B 79 -8.97 1.41 -0.69
N TYR B 80 -9.18 2.66 -0.28
CA TYR B 80 -9.36 3.06 1.12
C TYR B 80 -10.62 2.38 1.68
N GLN B 81 -11.75 2.47 0.94
CA GLN B 81 -13.01 1.90 1.46
C GLN B 81 -12.88 0.37 1.57
N VAL B 82 -12.11 -0.29 0.68
CA VAL B 82 -11.84 -1.75 0.86
C VAL B 82 -11.10 -2.00 2.18
N LYS B 83 -10.03 -1.25 2.44
CA LYS B 83 -9.26 -1.38 3.70
C LYS B 83 -10.15 -1.10 4.92
N LYS B 84 -11.05 -0.12 4.83
CA LYS B 84 -11.91 0.25 5.98
C LYS B 84 -12.85 -0.92 6.27
N ARG B 85 -13.46 -1.48 5.22
CA ARG B 85 -14.38 -2.64 5.41
C ARG B 85 -13.59 -3.81 6.03
N GLN B 86 -12.36 -4.06 5.63
CA GLN B 86 -11.56 -5.17 6.19
C GLN B 86 -11.28 -4.91 7.67
N MET B 87 -10.89 -3.70 8.04
CA MET B 87 -10.58 -3.36 9.46
C MET B 87 -11.88 -3.42 10.29
N ASP B 88 -13.01 -2.98 9.75
CA ASP B 88 -14.32 -3.05 10.44
C ASP B 88 -14.68 -4.52 10.71
N ILE B 89 -14.34 -5.44 9.80
CA ILE B 89 -14.63 -6.89 10.00
C ILE B 89 -13.67 -7.44 11.06
N LYS B 90 -12.38 -7.14 10.94
CA LYS B 90 -11.31 -7.73 11.76
C LYS B 90 -11.46 -7.22 13.20
N ASN B 91 -11.82 -5.94 13.39
CA ASN B 91 -11.82 -5.33 14.75
C ASN B 91 -13.19 -5.46 15.44
N ASP B 92 -14.31 -5.52 14.71
CA ASP B 92 -15.70 -5.63 15.27
C ASP B 92 -16.01 -4.49 16.27
N HIS B 93 -16.83 -3.52 15.84
CA HIS B 93 -17.44 -2.45 16.68
C HIS B 93 -16.37 -1.54 17.32
N LYS B 94 -15.20 -1.39 16.70
CA LYS B 94 -14.29 -0.25 16.98
C LYS B 94 -14.66 0.92 16.05
N ASN B 95 -14.47 2.16 16.49
CA ASN B 95 -14.37 3.34 15.59
C ASN B 95 -12.96 3.31 15.02
N ASN B 96 -12.80 2.79 13.81
CA ASN B 96 -11.46 2.58 13.22
C ASN B 96 -10.95 3.83 12.52
N GLU B 97 -11.81 4.82 12.28
CA GLU B 97 -11.45 5.98 11.41
C GLU B 97 -11.47 7.28 12.22
N ARG B 98 -10.40 8.05 12.08
CA ARG B 98 -10.28 9.41 12.67
C ARG B 98 -10.06 10.41 11.55
N LEU B 99 -10.45 11.66 11.78
CA LEU B 99 -10.21 12.76 10.83
C LEU B 99 -9.04 13.59 11.35
N LEU B 100 -7.90 13.55 10.65
CA LEU B 100 -6.62 14.09 11.14
C LEU B 100 -6.05 15.07 10.12
N PHE B 101 -4.95 15.74 10.44
CA PHE B 101 -4.32 16.78 9.58
C PHE B 101 -2.96 16.31 9.10
N HIS B 102 -2.54 16.79 7.93
CA HIS B 102 -1.21 16.52 7.39
C HIS B 102 -0.74 17.73 6.61
N GLY B 103 0.27 18.40 7.17
CA GLY B 103 0.93 19.54 6.50
C GLY B 103 1.94 19.05 5.51
N THR B 104 1.99 19.62 4.29
CA THR B 104 3.08 19.27 3.36
C THR B 104 3.50 20.46 2.51
N ASP B 105 4.57 20.25 1.74
CA ASP B 105 5.14 21.28 0.86
C ASP B 105 4.37 21.30 -0.47
N ALA B 106 4.43 22.42 -1.18
CA ALA B 106 3.71 22.62 -2.46
C ALA B 106 4.14 21.58 -3.50
N ASP B 107 5.42 21.17 -3.47
CA ASP B 107 5.99 20.23 -4.48
C ASP B 107 5.26 18.89 -4.37
N SER B 108 4.73 18.54 -3.19
CA SER B 108 4.18 17.19 -2.87
C SER B 108 2.67 17.15 -3.16
N VAL B 109 2.03 18.30 -3.32
CA VAL B 109 0.55 18.40 -3.43
C VAL B 109 0.06 17.64 -4.66
N PRO B 110 0.64 17.79 -5.87
CA PRO B 110 0.15 17.08 -7.06
C PRO B 110 0.21 15.56 -6.88
N TYR B 111 1.28 15.06 -6.26
CA TYR B 111 1.44 13.60 -6.00
C TYR B 111 0.39 13.13 -5.00
N VAL B 112 0.23 13.79 -3.85
CA VAL B 112 -0.73 13.34 -2.80
C VAL B 112 -2.15 13.36 -3.39
N ASN B 113 -2.52 14.42 -4.12
CA ASN B 113 -3.87 14.52 -4.73
C ASN B 113 -4.16 13.26 -5.58
N GLN B 114 -3.18 12.80 -6.36
CA GLN B 114 -3.38 11.70 -7.36
C GLN B 114 -3.15 10.34 -6.71
N HIS B 115 -2.16 10.22 -5.81
CA HIS B 115 -1.63 8.90 -5.35
C HIS B 115 -1.66 8.71 -3.84
N GLY B 116 -2.02 9.73 -3.07
CA GLY B 116 -2.12 9.65 -1.60
C GLY B 116 -0.76 9.71 -0.93
N PHE B 117 -0.68 9.09 0.26
CA PHE B 117 0.43 9.26 1.23
C PHE B 117 1.38 8.06 1.15
N ASN B 118 2.60 8.31 0.69
CA ASN B 118 3.60 7.26 0.41
C ASN B 118 4.67 7.31 1.50
N ARG B 119 4.75 6.29 2.37
CA ARG B 119 5.75 6.24 3.45
C ARG B 119 7.17 6.33 2.88
N SER B 120 7.41 5.91 1.65
CA SER B 120 8.79 5.87 1.09
C SER B 120 9.33 7.29 0.86
N CYS B 121 8.45 8.29 0.90
CA CYS B 121 8.77 9.72 0.65
C CYS B 121 8.73 10.53 1.96
N ALA B 122 8.37 9.91 3.08
CA ALA B 122 8.17 10.60 4.38
C ALA B 122 9.52 11.01 4.97
N GLY B 123 9.59 12.21 5.54
CA GLY B 123 10.79 12.67 6.27
C GLY B 123 10.87 12.05 7.65
N LYS B 124 12.05 12.02 8.27
CA LYS B 124 12.18 11.66 9.71
C LYS B 124 11.49 12.76 10.51
N ASN B 125 10.58 12.40 11.42
CA ASN B 125 9.92 13.34 12.34
C ASN B 125 10.90 13.74 13.46
N ALA B 126 10.78 14.96 13.99
CA ALA B 126 11.62 15.46 15.13
C ALA B 126 11.41 14.59 16.38
N VAL B 127 10.24 14.01 16.59
CA VAL B 127 10.06 12.92 17.57
C VAL B 127 9.54 11.72 16.79
N SER B 128 10.39 10.74 16.57
CA SER B 128 10.06 9.60 15.71
C SER B 128 9.46 8.46 16.53
N TYR B 129 8.25 8.03 16.13
CA TYR B 129 7.54 6.85 16.66
C TYR B 129 7.44 5.75 15.60
N GLY B 130 8.28 5.80 14.56
CA GLY B 130 8.32 4.81 13.48
C GLY B 130 8.48 5.45 12.13
N LYS B 131 8.87 4.63 11.13
CA LYS B 131 9.13 5.08 9.75
C LYS B 131 7.83 4.93 8.98
N GLY B 132 6.96 5.93 9.06
CA GLY B 132 5.68 5.93 8.33
C GLY B 132 5.18 7.33 8.04
N THR B 133 3.92 7.45 7.62
CA THR B 133 3.29 8.76 7.37
C THR B 133 2.65 9.25 8.66
N TYR B 134 2.90 10.51 9.02
CA TYR B 134 2.44 11.13 10.28
C TYR B 134 1.20 11.97 10.03
N PHE B 135 0.27 11.93 10.98
CA PHE B 135 -0.99 12.69 10.95
C PHE B 135 -1.22 13.26 12.34
N ALA B 136 -1.68 14.52 12.42
CA ALA B 136 -1.80 15.23 13.70
C ALA B 136 -3.26 15.34 14.08
N VAL B 137 -3.53 15.28 15.38
CA VAL B 137 -4.88 15.53 15.94
C VAL B 137 -5.19 17.02 15.78
N ASP B 138 -4.21 17.88 16.03
CA ASP B 138 -4.41 19.36 16.06
C ASP B 138 -3.81 19.99 14.80
N ALA B 139 -4.58 20.86 14.15
CA ALA B 139 -4.12 21.63 12.97
C ALA B 139 -2.84 22.42 13.31
N SER B 140 -2.74 22.95 14.54
CA SER B 140 -1.56 23.74 15.01
C SER B 140 -0.25 22.99 14.78
N TYR B 141 -0.23 21.66 14.96
CA TYR B 141 0.99 20.82 14.77
C TYR B 141 1.37 20.87 13.28
N SER B 142 0.39 20.57 12.42
CA SER B 142 0.59 20.50 10.96
C SER B 142 0.89 21.88 10.39
N ALA B 143 0.48 22.94 11.08
CA ALA B 143 0.67 24.34 10.59
C ALA B 143 2.12 24.80 10.77
N LYS B 144 2.93 24.08 11.53
CA LYS B 144 4.37 24.43 11.66
C LYS B 144 5.02 24.48 10.26
N ASP B 145 5.93 25.42 10.05
CA ASP B 145 6.62 25.64 8.77
C ASP B 145 7.43 24.41 8.38
N THR B 146 7.86 23.57 9.34
CA THR B 146 8.63 22.34 9.06
C THR B 146 7.76 21.33 8.29
N TYR B 147 6.43 21.37 8.43
CA TYR B 147 5.50 20.44 7.71
C TYR B 147 4.78 21.17 6.56
N SER B 148 4.00 22.20 6.86
CA SER B 148 3.31 23.00 5.80
C SER B 148 4.22 24.15 5.33
N LYS B 149 5.30 23.82 4.63
CA LYS B 149 6.33 24.80 4.21
C LYS B 149 5.68 25.90 3.36
N PRO B 150 5.85 27.20 3.70
CA PRO B 150 5.31 28.25 2.85
C PRO B 150 5.89 28.14 1.43
N ASP B 151 5.06 28.33 0.40
CA ASP B 151 5.53 28.31 -1.01
C ASP B 151 6.07 29.71 -1.36
N SER B 152 6.50 29.94 -2.60
CA SER B 152 7.15 31.22 -3.01
C SER B 152 6.18 32.40 -2.92
N ASN B 153 4.86 32.16 -2.87
CA ASN B 153 3.80 33.18 -2.64
C ASN B 153 3.31 33.21 -1.20
N GLY B 154 3.93 32.44 -0.29
CA GLY B 154 3.56 32.47 1.13
C GLY B 154 2.33 31.64 1.44
N ARG B 155 1.89 30.79 0.51
CA ARG B 155 0.77 29.87 0.79
C ARG B 155 1.31 28.61 1.49
N LYS B 156 0.57 28.16 2.50
CA LYS B 156 0.79 26.90 3.25
C LYS B 156 -0.34 25.93 2.90
N HIS B 157 -0.04 24.62 2.91
CA HIS B 157 -0.98 23.56 2.46
C HIS B 157 -1.13 22.49 3.53
N MET B 158 -2.35 22.17 3.90
CA MET B 158 -2.66 21.14 4.91
C MET B 158 -3.85 20.31 4.42
N TYR B 159 -3.70 19.00 4.47
CA TYR B 159 -4.77 18.05 4.13
C TYR B 159 -5.56 17.71 5.37
N VAL B 160 -6.86 17.50 5.19
CA VAL B 160 -7.77 16.89 6.19
C VAL B 160 -8.00 15.47 5.67
N VAL B 161 -7.66 14.49 6.51
CA VAL B 161 -7.43 13.09 6.06
C VAL B 161 -8.28 12.16 6.87
N ARG B 162 -9.01 11.26 6.22
CA ARG B 162 -9.66 10.12 6.91
C ARG B 162 -8.57 9.06 7.10
N VAL B 163 -8.28 8.69 8.33
CA VAL B 163 -7.14 7.78 8.67
C VAL B 163 -7.69 6.55 9.41
N LEU B 164 -7.33 5.35 8.96
CA LEU B 164 -7.73 4.10 9.65
C LEU B 164 -6.74 3.83 10.77
N THR B 165 -6.93 4.50 11.90
CA THR B 165 -6.07 4.34 13.10
C THR B 165 -6.35 3.00 13.78
N GLY B 166 -7.57 2.50 13.66
CA GLY B 166 -7.89 1.17 14.23
C GLY B 166 -7.48 1.04 15.69
N VAL B 167 -6.88 -0.10 16.03
CA VAL B 167 -6.33 -0.40 17.39
C VAL B 167 -4.85 -0.01 17.38
N PHE B 168 -4.45 0.87 18.29
CA PHE B 168 -3.11 1.48 18.27
C PHE B 168 -2.40 1.32 19.62
N THR B 169 -1.08 1.48 19.56
CA THR B 169 -0.18 1.40 20.74
C THR B 169 0.85 2.51 20.60
N LYS B 170 1.64 2.75 21.65
CA LYS B 170 2.73 3.74 21.59
C LYS B 170 3.81 3.22 20.62
N GLY B 171 4.22 4.05 19.68
CA GLY B 171 5.22 3.71 18.64
C GLY B 171 6.64 3.70 19.19
N ARG B 172 7.59 3.37 18.33
CA ARG B 172 9.06 3.37 18.64
C ARG B 172 9.80 3.73 17.34
N ALA B 173 10.91 4.46 17.43
CA ALA B 173 11.63 4.94 16.24
C ALA B 173 12.00 3.82 15.26
N GLY B 174 12.26 2.60 15.74
CA GLY B 174 12.75 1.53 14.84
C GLY B 174 11.69 0.93 13.88
N LEU B 175 10.42 1.22 14.06
CA LEU B 175 9.34 0.45 13.38
C LEU B 175 9.28 0.77 11.88
N VAL B 176 9.15 -0.26 11.04
CA VAL B 176 8.79 -0.09 9.59
C VAL B 176 7.38 -0.62 9.32
N THR B 177 6.80 -1.33 10.31
CA THR B 177 5.36 -1.78 10.37
C THR B 177 4.84 -1.53 11.77
N PRO B 178 3.53 -1.52 12.06
CA PRO B 178 3.10 -1.47 13.45
C PRO B 178 3.57 -2.75 14.12
N PRO B 179 3.77 -2.70 15.45
CA PRO B 179 4.26 -3.85 16.20
C PRO B 179 3.15 -4.87 16.39
N PRO B 180 3.53 -6.12 16.72
CA PRO B 180 2.54 -7.14 16.99
C PRO B 180 1.81 -6.81 18.30
N LYS B 181 0.58 -7.29 18.43
CA LYS B 181 -0.20 -7.23 19.69
C LYS B 181 0.41 -8.17 20.72
N ASN B 182 1.02 -9.26 20.24
CA ASN B 182 1.48 -10.38 21.09
C ASN B 182 2.82 -10.86 20.55
N PRO B 183 3.91 -10.83 21.35
CA PRO B 183 5.23 -11.22 20.85
C PRO B 183 5.35 -12.66 20.34
N HIS B 184 4.49 -13.56 20.78
CA HIS B 184 4.49 -14.99 20.36
C HIS B 184 3.63 -15.17 19.10
N ASN B 185 3.08 -14.09 18.55
CA ASN B 185 2.27 -14.12 17.29
C ASN B 185 2.67 -12.93 16.45
N PRO B 186 3.90 -12.93 15.89
CA PRO B 186 4.49 -11.72 15.31
C PRO B 186 3.76 -11.13 14.10
N THR B 187 2.84 -11.86 13.45
CA THR B 187 2.15 -11.36 12.25
C THR B 187 0.78 -10.75 12.56
N ASP B 188 0.28 -10.80 13.80
CA ASP B 188 -1.04 -10.19 14.17
C ASP B 188 -0.76 -8.79 14.71
N LEU B 189 -0.98 -7.75 13.91
CA LEU B 189 -0.40 -6.40 14.16
C LEU B 189 -1.45 -5.40 14.66
N PHE B 190 -0.98 -4.43 15.47
CA PHE B 190 -1.71 -3.16 15.67
C PHE B 190 -1.94 -2.51 14.30
N ASP B 191 -2.97 -1.66 14.20
CA ASP B 191 -3.30 -0.96 12.94
C ASP B 191 -2.42 0.29 12.75
N SER B 192 -2.06 0.97 13.82
CA SER B 192 -1.30 2.23 13.78
C SER B 192 -0.54 2.40 15.10
N VAL B 193 0.34 3.38 15.19
CA VAL B 193 0.95 3.73 16.50
C VAL B 193 0.74 5.22 16.74
N THR B 194 0.95 5.62 17.99
CA THR B 194 0.72 7.00 18.48
C THR B 194 1.90 7.41 19.38
N ASN B 195 1.96 8.67 19.75
CA ASN B 195 2.96 9.18 20.73
C ASN B 195 2.56 8.79 22.15
N ASN B 196 1.25 8.66 22.42
CA ASN B 196 0.70 8.47 23.80
C ASN B 196 -0.73 7.94 23.70
N THR B 197 -1.00 6.74 24.22
CA THR B 197 -2.33 6.08 24.02
C THR B 197 -3.41 6.79 24.83
N ARG B 198 -3.06 7.34 25.99
CA ARG B 198 -3.98 8.10 26.89
C ARG B 198 -4.42 9.41 26.23
N SER B 199 -3.46 10.16 25.67
CA SER B 199 -3.66 11.52 25.11
C SER B 199 -3.02 11.62 23.72
N PRO B 200 -3.59 10.97 22.68
CA PRO B 200 -2.90 10.91 21.39
C PRO B 200 -2.88 12.28 20.73
N LYS B 201 -1.72 12.71 20.22
CA LYS B 201 -1.63 13.96 19.41
C LYS B 201 -1.14 13.64 18.00
N LEU B 202 -0.56 12.46 17.77
CA LEU B 202 -0.17 12.06 16.40
C LEU B 202 -0.42 10.57 16.21
N PHE B 203 -0.61 10.18 14.95
CA PHE B 203 -0.75 8.77 14.53
C PHE B 203 0.22 8.54 13.37
N VAL B 204 0.82 7.36 13.32
CA VAL B 204 1.69 6.93 12.21
C VAL B 204 1.06 5.70 11.56
N VAL B 205 0.93 5.72 10.23
CA VAL B 205 0.48 4.51 9.46
C VAL B 205 1.58 4.08 8.48
N PHE B 206 1.61 2.79 8.23
CA PHE B 206 2.76 2.11 7.57
C PHE B 206 2.30 1.40 6.30
N PHE B 207 1.04 1.56 5.89
CA PHE B 207 0.55 0.89 4.67
C PHE B 207 -0.18 1.85 3.74
N ASP B 208 -0.12 1.51 2.46
CA ASP B 208 -0.79 2.27 1.40
C ASP B 208 -2.32 2.16 1.62
N ASN B 209 -3.03 3.20 1.24
CA ASN B 209 -4.53 3.20 1.20
C ASN B 209 -5.09 2.99 2.62
N GLN B 210 -4.34 3.38 3.66
CA GLN B 210 -4.86 3.48 5.06
C GLN B 210 -5.28 4.93 5.37
N ALA B 211 -5.11 5.85 4.43
CA ALA B 211 -5.41 7.29 4.65
C ALA B 211 -5.95 7.86 3.34
N TYR B 212 -7.10 8.50 3.39
CA TYR B 212 -7.72 9.13 2.19
C TYR B 212 -7.65 10.65 2.34
N PRO B 213 -6.93 11.37 1.45
CA PRO B 213 -6.85 12.84 1.52
C PRO B 213 -8.21 13.39 1.09
N GLU B 214 -8.96 13.99 2.02
CA GLU B 214 -10.39 14.36 1.78
C GLU B 214 -10.49 15.83 1.37
N TYR B 215 -9.78 16.71 2.08
CA TYR B 215 -9.80 18.17 1.80
C TYR B 215 -8.38 18.68 1.77
N LEU B 216 -8.18 19.70 0.96
CA LEU B 216 -6.93 20.46 0.93
C LEU B 216 -7.23 21.90 1.35
N ILE B 217 -6.62 22.31 2.45
CA ILE B 217 -6.74 23.69 3.00
C ILE B 217 -5.53 24.48 2.48
N THR B 218 -5.76 25.57 1.77
CA THR B 218 -4.69 26.54 1.43
C THR B 218 -4.84 27.74 2.38
N PHE B 219 -3.76 28.14 3.05
CA PHE B 219 -3.88 29.18 4.10
C PHE B 219 -2.61 30.02 4.13
N THR B 220 -2.71 31.17 4.80
CA THR B 220 -1.63 32.20 4.87
C THR B 220 -1.60 32.80 6.28
N ALA B 221 -0.45 33.40 6.62
CA ALA B 221 -0.31 34.34 7.75
C ALA B 221 -1.17 35.58 7.47
C4 8AE C . 14.95 -10.91 -8.46
C5 8AE C . 15.93 -10.09 -7.92
C6 8AE C . 17.74 -8.52 -8.17
C11 8AE C . 16.17 -10.13 -6.56
C7 8AE C . 18.37 -7.63 -9.19
C8 8AE C . 19.52 -6.69 -8.77
C9 8AE C . 20.49 -7.66 -9.44
C10 8AE C . 19.32 -8.24 -10.23
C12 8AE C . 15.46 -10.98 -5.73
N1 8AE C . 13.68 -12.47 -4.06
C3 8AE C . 14.24 -11.76 -7.62
C1 8AE C . 13.75 -12.75 -5.35
O1 8AE C . 13.33 -13.83 -5.82
C2 8AE C . 14.48 -11.81 -6.25
O2 8AE C . 16.62 -9.25 -8.75
#